data_4IGR
#
_entry.id   4IGR
#
_cell.length_a   68.180
_cell.length_b   68.180
_cell.length_c   126.520
_cell.angle_alpha   90.000
_cell.angle_beta   90.000
_cell.angle_gamma   90.000
#
_symmetry.space_group_name_H-M   'P 41 2 2'
#
loop_
_entity.id
_entity.type
_entity.pdbx_description
1 polymer 'Glutamate receptor, ionotropic kainate 3'
2 non-polymer '(4R)-4-{3-[hydroxy(methyl)amino]-3-oxopropyl}-L-glutamic acid'
3 non-polymer 'POTASSIUM ION'
4 non-polymer 'CHLORIDE ION'
5 non-polymer 'PHOSPHATE ION'
6 water water
#
_entity_poly.entity_id   1
_entity_poly.type   'polypeptide(L)'
_entity_poly.pdbx_seq_one_letter_code
;GPGTNRSLIVTTLLEEPFVMFRKSDRTLYGNDRFEGYCIDLLKELAHILGFSYEIRLVEDGKYGAQDDKGQWNGMVKELI
DHKADLAVAPLTITHVREKAIDFSKPFMTLGVSILYRKGTPIDSADDLAKQTKIEYGAVKDGATMTFFKKSKISTFEKMW
AFMSSKPSALVKNNEEGIQRTLTADYALLMESTTIEYITQRNCNLTQIGGLIDSKGYGIGTPMGSPYRDKITIAILQLQE
EDKLHIMKEKWWRGSGCP
;
_entity_poly.pdbx_strand_id   A
#
loop_
_chem_comp.id
_chem_comp.type
_chem_comp.name
_chem_comp.formula
3ZA non-polymer '(4R)-4-{3-[hydroxy(methyl)amino]-3-oxopropyl}-L-glutamic acid' 'C9 H16 N2 O6'
CL non-polymer 'CHLORIDE ION' 'Cl -1'
K non-polymer 'POTASSIUM ION' 'K 1'
PO4 non-polymer 'PHOSPHATE ION' 'O4 P -3'
#
# COMPACT_ATOMS: atom_id res chain seq x y z
N ASN A 5 -8.54 -2.33 -29.06
CA ASN A 5 -7.42 -3.10 -28.53
C ASN A 5 -6.15 -2.25 -28.29
N ARG A 6 -6.34 -1.03 -27.79
CA ARG A 6 -5.26 -0.12 -27.39
C ARG A 6 -4.55 -0.51 -26.09
N SER A 7 -3.41 0.12 -25.85
CA SER A 7 -2.68 -0.01 -24.60
C SER A 7 -3.41 0.72 -23.48
N LEU A 8 -3.61 0.01 -22.36
CA LEU A 8 -4.24 0.53 -21.17
C LEU A 8 -3.29 1.49 -20.44
N ILE A 9 -3.81 2.57 -19.88
CA ILE A 9 -2.96 3.40 -19.02
C ILE A 9 -2.93 2.83 -17.58
N VAL A 10 -1.73 2.53 -17.09
CA VAL A 10 -1.59 2.08 -15.71
C VAL A 10 -1.05 3.17 -14.78
N THR A 11 -1.73 3.43 -13.69
CA THR A 11 -1.22 4.39 -12.71
C THR A 11 -0.56 3.64 -11.58
N THR A 12 0.49 4.22 -11.04
CA THR A 12 1.25 3.52 -10.01
C THR A 12 2.11 4.51 -9.23
N LEU A 13 2.77 4.04 -8.18
CA LEU A 13 3.76 4.83 -7.47
C LEU A 13 4.89 3.94 -6.94
N LEU A 14 5.90 4.57 -6.35
CA LEU A 14 7.09 3.83 -5.94
C LEU A 14 6.93 3.27 -4.52
N GLU A 15 7.07 1.95 -4.39
CA GLU A 15 6.94 1.29 -3.11
C GLU A 15 7.66 -0.06 -3.13
N GLU A 16 8.76 -0.17 -2.38
CA GLU A 16 9.44 -1.46 -2.25
C GLU A 16 8.60 -2.48 -1.45
N PRO A 17 8.49 -3.72 -1.95
CA PRO A 17 9.12 -4.12 -3.23
C PRO A 17 8.10 -4.30 -4.35
N PHE A 18 7.01 -3.53 -4.34
CA PHE A 18 5.94 -3.70 -5.33
C PHE A 18 6.23 -3.03 -6.69
N VAL A 19 6.62 -1.75 -6.62
CA VAL A 19 7.01 -1.02 -7.81
C VAL A 19 8.32 -0.27 -7.52
N MET A 20 9.31 -0.47 -8.39
CA MET A 20 10.60 0.17 -8.19
C MET A 20 11.20 0.53 -9.51
N PHE A 21 12.11 1.50 -9.48
CA PHE A 21 13.03 1.70 -10.57
C PHE A 21 14.03 0.55 -10.61
N ARG A 22 14.05 -0.20 -11.72
CA ARG A 22 15.13 -1.18 -11.85
C ARG A 22 16.47 -0.47 -12.09
N LYS A 23 17.53 -1.14 -11.63
CA LYS A 23 18.88 -0.63 -11.75
C LYS A 23 19.48 -0.96 -13.11
N SER A 24 20.03 0.06 -13.80
CA SER A 24 20.73 -0.11 -15.08
C SER A 24 21.84 0.91 -15.22
N ASP A 25 22.78 0.66 -16.13
CA ASP A 25 23.82 1.65 -16.39
C ASP A 25 23.37 2.68 -17.40
N ARG A 26 22.51 2.27 -18.31
CA ARG A 26 21.93 3.20 -19.26
C ARG A 26 20.65 3.81 -18.69
N THR A 27 20.17 4.87 -19.34
CA THR A 27 18.95 5.56 -18.94
C THR A 27 17.71 4.87 -19.50
N LEU A 28 16.88 4.36 -18.59
CA LEU A 28 15.70 3.61 -18.97
C LEU A 28 14.54 4.54 -19.32
N TYR A 29 13.65 4.03 -20.15
CA TYR A 29 12.44 4.74 -20.52
C TYR A 29 11.34 3.73 -20.69
N GLY A 30 10.11 4.22 -20.63
CA GLY A 30 8.92 3.40 -20.80
C GLY A 30 8.70 2.46 -19.63
N ASN A 31 8.01 1.36 -19.93
CA ASN A 31 7.72 0.34 -18.94
C ASN A 31 8.98 -0.29 -18.38
N ASP A 32 10.01 -0.30 -19.21
CA ASP A 32 11.33 -0.87 -18.89
C ASP A 32 11.96 -0.28 -17.62
N ARG A 33 11.55 0.94 -17.26
CA ARG A 33 12.01 1.58 -16.05
C ARG A 33 11.59 0.83 -14.76
N PHE A 34 10.53 0.05 -14.86
CA PHE A 34 9.94 -0.52 -13.64
C PHE A 34 10.20 -2.02 -13.41
N GLU A 35 10.17 -2.40 -12.13
CA GLU A 35 10.25 -3.81 -11.73
C GLU A 35 9.68 -3.94 -10.33
N GLY A 36 9.36 -5.16 -9.93
CA GLY A 36 8.80 -5.39 -8.60
C GLY A 36 7.68 -6.38 -8.64
N TYR A 37 7.10 -6.65 -7.49
CA TYR A 37 6.07 -7.67 -7.41
C TYR A 37 4.85 -7.36 -8.31
N CYS A 38 4.36 -6.12 -8.27
CA CYS A 38 3.26 -5.66 -9.11
C CYS A 38 3.57 -5.59 -10.58
N ILE A 39 4.83 -5.33 -10.91
CA ILE A 39 5.22 -5.37 -12.30
C ILE A 39 5.12 -6.82 -12.79
N ASP A 40 5.49 -7.76 -11.91
CA ASP A 40 5.44 -9.17 -12.30
C ASP A 40 4.01 -9.62 -12.39
N LEU A 41 3.17 -9.01 -11.58
CA LEU A 41 1.76 -9.33 -11.60
C LEU A 41 1.10 -8.78 -12.87
N LEU A 42 1.40 -7.51 -13.16
CA LEU A 42 0.88 -6.80 -14.32
C LEU A 42 1.29 -7.54 -15.60
N LYS A 43 2.56 -7.94 -15.66
CA LYS A 43 3.08 -8.72 -16.77
C LYS A 43 2.30 -10.03 -16.96
N GLU A 44 2.08 -10.77 -15.88
CA GLU A 44 1.32 -11.99 -15.91
C GLU A 44 -0.13 -11.82 -16.39
N LEU A 45 -0.83 -10.80 -15.89
CA LEU A 45 -2.17 -10.44 -16.35
C LEU A 45 -2.22 -10.03 -17.83
N ALA A 46 -1.23 -9.27 -18.26
CA ALA A 46 -1.12 -8.83 -19.64
C ALA A 46 -1.02 -10.04 -20.57
N HIS A 47 -0.22 -11.01 -20.15
CA HIS A 47 -0.01 -12.26 -20.89
C HIS A 47 -1.28 -13.15 -20.94
N ILE A 48 -1.86 -13.42 -19.76
CA ILE A 48 -3.07 -14.22 -19.69
C ILE A 48 -4.21 -13.56 -20.47
N LEU A 49 -4.35 -12.23 -20.31
CA LEU A 49 -5.51 -11.51 -20.85
C LEU A 49 -5.26 -10.85 -22.21
N GLY A 50 -4.03 -10.92 -22.72
CA GLY A 50 -3.71 -10.31 -24.00
C GLY A 50 -3.91 -8.80 -24.12
N PHE A 51 -3.39 -8.03 -23.17
CA PHE A 51 -3.36 -6.58 -23.32
C PHE A 51 -1.94 -6.01 -23.08
N SER A 52 -1.73 -4.79 -23.55
CA SER A 52 -0.51 -4.05 -23.33
C SER A 52 -0.87 -2.80 -22.57
N TYR A 53 0.14 -2.10 -22.08
CA TYR A 53 -0.09 -1.05 -21.11
C TYR A 53 1.01 -0.02 -21.19
N GLU A 54 0.70 1.20 -20.78
CA GLU A 54 1.72 2.19 -20.55
C GLU A 54 1.64 2.60 -19.08
N ILE A 55 2.71 2.33 -18.33
CA ILE A 55 2.78 2.67 -16.91
C ILE A 55 3.13 4.16 -16.66
N ARG A 56 2.33 4.82 -15.81
CA ARG A 56 2.58 6.21 -15.43
C ARG A 56 2.48 6.42 -13.94
N LEU A 57 3.48 7.07 -13.37
CA LEU A 57 3.48 7.38 -11.94
C LEU A 57 2.51 8.54 -11.64
N VAL A 58 1.64 8.33 -10.64
CA VAL A 58 0.66 9.34 -10.25
C VAL A 58 1.39 10.62 -9.81
N GLU A 59 0.95 11.77 -10.32
CA GLU A 59 1.72 12.99 -10.16
C GLU A 59 1.90 13.44 -8.71
N ASP A 60 0.84 13.32 -7.90
CA ASP A 60 0.91 13.73 -6.48
C ASP A 60 1.58 12.67 -5.59
N GLY A 61 1.88 11.52 -6.16
CA GLY A 61 2.51 10.43 -5.43
C GLY A 61 1.72 9.82 -4.28
N LYS A 62 0.38 9.90 -4.37
CA LYS A 62 -0.49 9.39 -3.30
C LYS A 62 -1.38 8.23 -3.73
N TYR A 63 -1.73 7.37 -2.77
CA TYR A 63 -2.69 6.30 -3.04
C TYR A 63 -4.10 6.90 -3.22
N GLY A 64 -4.58 7.60 -2.20
CA GLY A 64 -5.79 8.37 -2.35
C GLY A 64 -6.69 8.40 -1.13
N ALA A 65 -7.02 9.61 -0.69
CA ALA A 65 -8.04 9.82 0.35
C ALA A 65 -8.98 10.99 0.00
N GLN A 66 -10.16 10.97 0.60
CA GLN A 66 -11.13 12.05 0.46
C GLN A 66 -10.70 13.24 1.32
N ASP A 67 -10.78 14.46 0.79
CA ASP A 67 -10.59 15.63 1.64
C ASP A 67 -11.88 16.00 2.40
N ASP A 68 -11.90 17.17 3.02
CA ASP A 68 -13.06 17.58 3.83
C ASP A 68 -14.21 18.17 3.00
N LYS A 69 -14.02 18.18 1.68
CA LYS A 69 -15.07 18.57 0.74
C LYS A 69 -15.56 17.33 -0.04
N GLY A 70 -14.91 16.18 0.21
CA GLY A 70 -15.27 14.93 -0.43
C GLY A 70 -14.45 14.61 -1.65
N GLN A 71 -13.44 15.44 -1.91
CA GLN A 71 -12.59 15.29 -3.08
C GLN A 71 -11.42 14.32 -2.89
N TRP A 72 -11.22 13.48 -3.89
CA TRP A 72 -10.17 12.46 -3.88
C TRP A 72 -8.86 12.98 -4.47
N ASN A 73 -7.77 12.39 -4.00
CA ASN A 73 -6.46 12.59 -4.63
C ASN A 73 -5.82 11.25 -4.93
N GLY A 74 -4.55 11.29 -5.32
CA GLY A 74 -3.79 10.10 -5.53
C GLY A 74 -4.26 9.28 -6.70
N MET A 75 -4.00 7.96 -6.65
CA MET A 75 -4.43 7.05 -7.73
C MET A 75 -5.93 6.92 -7.82
N VAL A 76 -6.62 6.96 -6.68
CA VAL A 76 -8.08 6.91 -6.66
C VAL A 76 -8.65 8.02 -7.55
N LYS A 77 -8.14 9.25 -7.37
CA LYS A 77 -8.52 10.37 -8.23
C LYS A 77 -8.24 10.06 -9.71
N GLU A 78 -7.14 9.38 -9.96
CA GLU A 78 -6.71 9.11 -11.33
C GLU A 78 -7.73 8.24 -12.06
N LEU A 79 -8.27 7.26 -11.35
CA LEU A 79 -9.28 6.38 -11.90
C LEU A 79 -10.66 7.09 -12.01
N ILE A 80 -11.00 7.85 -10.97
CA ILE A 80 -12.26 8.61 -10.99
C ILE A 80 -12.31 9.47 -12.23
N ASP A 81 -11.19 10.16 -12.47
CA ASP A 81 -11.07 11.14 -13.55
C ASP A 81 -10.77 10.48 -14.89
N HIS A 82 -10.71 9.14 -14.87
CA HIS A 82 -10.48 8.32 -16.07
C HIS A 82 -9.14 8.60 -16.77
N LYS A 83 -8.19 9.17 -16.04
CA LYS A 83 -6.86 9.43 -16.56
C LYS A 83 -6.03 8.15 -16.71
N ALA A 84 -6.38 7.14 -15.91
CA ALA A 84 -5.74 5.82 -15.95
C ALA A 84 -6.82 4.74 -16.11
N ASP A 85 -6.45 3.60 -16.69
CA ASP A 85 -7.41 2.51 -16.80
C ASP A 85 -7.30 1.57 -15.61
N LEU A 86 -6.09 1.37 -15.13
CA LEU A 86 -5.85 0.55 -13.96
C LEU A 86 -4.96 1.29 -12.97
N ALA A 87 -5.14 0.98 -11.69
CA ALA A 87 -4.16 1.29 -10.65
C ALA A 87 -3.51 -0.03 -10.27
N VAL A 88 -2.25 -0.23 -10.69
CA VAL A 88 -1.52 -1.38 -10.22
C VAL A 88 -0.44 -0.94 -9.23
N ALA A 89 -0.62 -1.33 -7.97
CA ALA A 89 0.14 -0.83 -6.85
C ALA A 89 -0.36 -1.62 -5.64
N PRO A 90 0.33 -1.52 -4.47
CA PRO A 90 -0.28 -2.12 -3.27
C PRO A 90 -1.46 -1.26 -2.78
N LEU A 91 -2.57 -1.31 -3.50
CA LEU A 91 -3.73 -0.48 -3.20
C LEU A 91 -4.76 -1.23 -2.34
N THR A 92 -5.08 -0.66 -1.19
CA THR A 92 -5.95 -1.33 -0.25
C THR A 92 -7.43 -1.17 -0.60
N ILE A 93 -8.08 -2.31 -0.76
CA ILE A 93 -9.52 -2.37 -1.00
C ILE A 93 -10.27 -1.97 0.26
N THR A 94 -10.82 -0.76 0.25
CA THR A 94 -11.61 -0.30 1.37
C THR A 94 -13.01 0.03 0.89
N HIS A 95 -14.01 -0.25 1.71
CA HIS A 95 -15.38 0.07 1.33
CA HIS A 95 -15.39 0.08 1.36
C HIS A 95 -15.58 1.58 1.16
N VAL A 96 -14.74 2.37 1.81
CA VAL A 96 -14.78 3.81 1.63
C VAL A 96 -14.38 4.22 0.22
N ARG A 97 -13.32 3.61 -0.32
CA ARG A 97 -12.92 3.89 -1.68
C ARG A 97 -13.86 3.25 -2.70
N GLU A 98 -14.61 2.22 -2.29
CA GLU A 98 -15.52 1.55 -3.21
C GLU A 98 -16.70 2.44 -3.58
N LYS A 99 -16.80 3.62 -2.98
CA LYS A 99 -17.82 4.56 -3.40
C LYS A 99 -17.36 5.45 -4.57
N ALA A 100 -16.06 5.46 -4.82
CA ALA A 100 -15.49 6.27 -5.90
C ALA A 100 -15.00 5.42 -7.08
N ILE A 101 -14.47 4.24 -6.76
CA ILE A 101 -13.84 3.42 -7.78
C ILE A 101 -14.21 1.96 -7.55
N ASP A 102 -13.68 1.08 -8.40
CA ASP A 102 -13.87 -0.36 -8.26
C ASP A 102 -12.56 -1.05 -7.95
N PHE A 103 -12.66 -2.20 -7.30
CA PHE A 103 -11.51 -3.08 -7.09
C PHE A 103 -11.68 -4.41 -7.79
N SER A 104 -10.57 -5.01 -8.19
CA SER A 104 -10.56 -6.42 -8.52
C SER A 104 -10.62 -7.20 -7.20
N LYS A 105 -10.83 -8.51 -7.29
CA LYS A 105 -10.62 -9.40 -6.17
C LYS A 105 -9.15 -9.25 -5.70
N PRO A 106 -8.94 -9.34 -4.37
CA PRO A 106 -7.61 -9.09 -3.77
C PRO A 106 -6.54 -10.10 -4.24
N PHE A 107 -5.32 -9.60 -4.44
CA PHE A 107 -4.20 -10.47 -4.82
C PHE A 107 -3.24 -10.74 -3.64
N MET A 108 -3.44 -10.01 -2.55
CA MET A 108 -2.64 -10.20 -1.34
C MET A 108 -3.44 -9.78 -0.10
N THR A 109 -3.32 -10.54 0.98
CA THR A 109 -3.96 -10.17 2.24
C THR A 109 -2.96 -9.73 3.31
N LEU A 110 -3.29 -8.64 3.98
CA LEU A 110 -2.41 -8.01 4.94
C LEU A 110 -3.27 -7.36 6.05
N GLY A 111 -2.64 -7.05 7.18
CA GLY A 111 -3.33 -6.28 8.21
C GLY A 111 -2.53 -5.06 8.59
N VAL A 112 -3.16 -4.12 9.28
CA VAL A 112 -2.41 -3.05 9.88
C VAL A 112 -1.69 -3.63 11.10
N SER A 113 -0.44 -3.19 11.29
CA SER A 113 0.31 -3.53 12.47
C SER A 113 1.17 -2.30 12.83
N ILE A 114 2.13 -2.47 13.73
CA ILE A 114 3.00 -1.37 14.14
C ILE A 114 4.44 -1.71 13.83
N LEU A 115 5.10 -0.80 13.09
CA LEU A 115 6.55 -0.87 12.88
C LEU A 115 7.23 0.02 13.91
N TYR A 116 8.24 -0.51 14.59
CA TYR A 116 8.87 0.21 15.69
C TYR A 116 10.30 -0.28 15.95
N ARG A 117 11.13 0.64 16.41
CA ARG A 117 12.51 0.34 16.80
C ARG A 117 12.52 -0.53 18.06
N LYS A 118 13.22 -1.66 17.99
CA LYS A 118 13.39 -2.55 19.15
C LYS A 118 13.98 -1.78 20.35
N GLY A 119 13.51 -2.11 21.55
CA GLY A 119 13.89 -1.39 22.75
C GLY A 119 12.76 -1.40 23.76
N THR A 120 11.97 -0.31 23.78
CA THR A 120 10.84 -0.23 24.69
C THR A 120 9.87 -1.35 24.36
N PRO A 121 9.66 -2.27 25.32
CA PRO A 121 8.86 -3.47 25.06
C PRO A 121 7.37 -3.18 25.07
N ILE A 122 6.89 -2.36 24.14
CA ILE A 122 5.45 -2.27 23.87
C ILE A 122 5.07 -3.54 23.15
N ASP A 123 3.79 -3.92 23.26
CA ASP A 123 3.33 -5.20 22.71
C ASP A 123 1.98 -5.06 22.01
N SER A 124 1.45 -3.84 22.01
CA SER A 124 0.12 -3.58 21.46
C SER A 124 -0.10 -2.09 21.22
N ALA A 125 -1.16 -1.79 20.48
CA ALA A 125 -1.52 -0.42 20.16
C ALA A 125 -2.08 0.30 21.39
N ASP A 126 -2.61 -0.46 22.34
CA ASP A 126 -3.10 0.11 23.60
C ASP A 126 -1.98 0.86 24.31
N ASP A 127 -0.78 0.30 24.24
CA ASP A 127 0.42 0.88 24.83
C ASP A 127 0.69 2.25 24.25
N LEU A 128 0.51 2.38 22.94
CA LEU A 128 0.77 3.63 22.24
C LEU A 128 -0.28 4.68 22.55
N ALA A 129 -1.55 4.27 22.42
CA ALA A 129 -2.70 5.15 22.63
C ALA A 129 -2.65 5.85 23.98
N LYS A 130 -2.19 5.13 25.00
CA LYS A 130 -2.23 5.61 26.38
C LYS A 130 -1.04 6.48 26.80
N GLN A 131 -0.17 6.82 25.84
CA GLN A 131 0.99 7.65 26.16
C GLN A 131 1.36 8.64 25.03
N THR A 132 1.98 9.74 25.41
CA THR A 132 2.38 10.77 24.44
C THR A 132 3.86 10.69 24.04
N LYS A 133 4.67 10.02 24.86
CA LYS A 133 6.14 9.98 24.72
C LYS A 133 6.61 9.47 23.36
N ILE A 134 6.43 8.16 23.14
CA ILE A 134 6.65 7.58 21.82
C ILE A 134 5.55 8.12 20.90
N GLU A 135 5.94 8.99 19.97
CA GLU A 135 5.02 9.49 18.98
C GLU A 135 4.75 8.42 17.92
N TYR A 136 3.51 8.32 17.45
CA TYR A 136 3.19 7.40 16.36
C TYR A 136 2.48 8.11 15.22
N GLY A 137 2.17 7.39 14.16
CA GLY A 137 1.50 7.99 13.03
C GLY A 137 1.27 7.06 11.85
N ALA A 138 0.99 7.65 10.68
CA ALA A 138 0.72 6.87 9.47
C ALA A 138 1.02 7.70 8.23
N VAL A 139 0.95 7.07 7.06
CA VAL A 139 1.14 7.79 5.79
C VAL A 139 -0.08 8.66 5.45
N LYS A 140 0.18 9.95 5.26
CA LYS A 140 -0.85 10.93 4.95
C LYS A 140 -1.60 10.54 3.69
N ASP A 141 -2.93 10.48 3.81
CA ASP A 141 -3.83 10.21 2.68
C ASP A 141 -3.73 8.78 2.14
N GLY A 142 -3.57 7.85 3.08
CA GLY A 142 -3.51 6.43 2.79
C GLY A 142 -4.62 5.68 3.49
N ALA A 143 -4.68 4.37 3.28
CA ALA A 143 -5.74 3.55 3.86
C ALA A 143 -5.58 3.38 5.37
N THR A 144 -4.33 3.40 5.84
CA THR A 144 -4.08 3.22 7.26
C THR A 144 -4.46 4.47 8.07
N MET A 145 -4.27 5.65 7.50
CA MET A 145 -4.71 6.89 8.12
C MET A 145 -6.25 6.94 8.20
N THR A 146 -6.88 6.65 7.07
CA THR A 146 -8.33 6.68 6.92
C THR A 146 -8.99 5.70 7.89
N PHE A 147 -8.42 4.51 7.99
CA PHE A 147 -8.88 3.49 8.92
C PHE A 147 -8.96 4.05 10.33
N PHE A 148 -7.96 4.86 10.70
CA PHE A 148 -7.97 5.50 12.01
C PHE A 148 -8.96 6.67 12.06
N LYS A 149 -9.05 7.42 10.97
CA LYS A 149 -9.96 8.56 10.90
C LYS A 149 -11.42 8.11 10.99
N LYS A 150 -11.68 6.86 10.60
CA LYS A 150 -13.04 6.35 10.48
C LYS A 150 -13.45 5.42 11.63
N SER A 151 -12.50 5.06 12.49
CA SER A 151 -12.77 3.99 13.45
C SER A 151 -13.62 4.40 14.65
N LYS A 152 -14.38 3.42 15.14
CA LYS A 152 -15.30 3.59 16.26
C LYS A 152 -14.77 2.91 17.52
N ILE A 153 -13.65 2.20 17.40
CA ILE A 153 -12.96 1.61 18.54
C ILE A 153 -12.28 2.71 19.37
N SER A 154 -12.53 2.73 20.69
CA SER A 154 -12.03 3.80 21.55
C SER A 154 -10.50 3.88 21.64
N THR A 155 -9.83 2.76 21.39
CA THR A 155 -8.38 2.75 21.31
C THR A 155 -7.90 3.52 20.08
N PHE A 156 -8.39 3.11 18.91
CA PHE A 156 -8.04 3.75 17.62
C PHE A 156 -8.60 5.17 17.48
N GLU A 157 -9.76 5.42 18.10
CA GLU A 157 -10.28 6.78 18.25
C GLU A 157 -9.25 7.61 19.02
N LYS A 158 -8.73 7.03 20.11
CA LYS A 158 -7.71 7.68 20.92
C LYS A 158 -6.41 7.92 20.13
N MET A 159 -6.00 6.93 19.34
CA MET A 159 -4.78 7.05 18.53
C MET A 159 -4.91 8.07 17.40
N TRP A 160 -6.06 8.04 16.71
CA TRP A 160 -6.31 9.02 15.66
C TRP A 160 -6.31 10.43 16.22
N ALA A 161 -6.90 10.60 17.40
CA ALA A 161 -6.84 11.86 18.14
C ALA A 161 -5.42 12.41 18.21
N PHE A 162 -4.44 11.51 18.37
CA PHE A 162 -3.05 11.92 18.52
C PHE A 162 -2.40 12.29 17.20
N MET A 163 -2.68 11.51 16.14
CA MET A 163 -2.13 11.79 14.83
C MET A 163 -2.74 13.05 14.25
N SER A 164 -4.05 13.20 14.47
CA SER A 164 -4.80 14.40 14.10
C SER A 164 -4.15 15.65 14.65
N SER A 165 -3.68 15.54 15.89
CA SER A 165 -3.06 16.64 16.61
C SER A 165 -1.68 17.01 16.09
N LYS A 166 -0.79 16.02 16.01
CA LYS A 166 0.61 16.27 15.69
C LYS A 166 0.88 16.50 14.19
N PRO A 167 1.60 17.58 13.86
CA PRO A 167 1.90 17.99 12.48
C PRO A 167 2.89 17.08 11.77
N SER A 168 3.73 16.40 12.56
CA SER A 168 4.81 15.60 12.01
C SER A 168 4.51 14.11 12.06
N ALA A 169 3.35 13.75 12.62
CA ALA A 169 2.98 12.35 12.82
C ALA A 169 2.44 11.69 11.55
N LEU A 170 1.96 12.48 10.60
CA LEU A 170 1.49 11.90 9.34
C LEU A 170 2.49 12.11 8.22
N VAL A 171 3.16 11.04 7.82
CA VAL A 171 4.29 11.14 6.92
C VAL A 171 3.90 11.14 5.43
N LYS A 172 4.80 11.68 4.60
CA LYS A 172 4.52 11.81 3.18
C LYS A 172 4.40 10.45 2.53
N ASN A 173 5.36 9.57 2.82
CA ASN A 173 5.31 8.22 2.26
C ASN A 173 5.93 7.19 3.19
N ASN A 174 5.87 5.93 2.75
CA ASN A 174 6.44 4.82 3.49
C ASN A 174 7.91 5.03 3.86
N GLU A 175 8.71 5.35 2.85
CA GLU A 175 10.16 5.57 3.00
C GLU A 175 10.48 6.54 4.12
N GLU A 176 9.85 7.71 4.06
CA GLU A 176 10.05 8.77 5.06
C GLU A 176 9.63 8.33 6.46
N GLY A 177 8.64 7.44 6.55
CA GLY A 177 8.13 6.96 7.83
C GLY A 177 9.09 5.97 8.44
N ILE A 178 9.59 5.06 7.62
CA ILE A 178 10.63 4.11 8.07
C ILE A 178 11.84 4.86 8.59
N GLN A 179 12.20 5.94 7.90
CA GLN A 179 13.31 6.83 8.32
C GLN A 179 13.06 7.43 9.71
N ARG A 180 11.82 7.79 9.99
CA ARG A 180 11.48 8.39 11.27
C ARG A 180 11.52 7.36 12.40
N THR A 181 11.20 6.11 12.07
CA THR A 181 11.25 5.08 13.10
C THR A 181 12.71 4.81 13.44
N LEU A 182 13.61 5.04 12.47
CA LEU A 182 15.04 4.85 12.70
C LEU A 182 15.72 6.07 13.35
N THR A 183 15.15 7.26 13.20
CA THR A 183 15.82 8.47 13.67
C THR A 183 15.04 9.26 14.73
N ALA A 184 13.96 8.68 15.24
CA ALA A 184 13.16 9.32 16.29
C ALA A 184 12.58 8.23 17.15
N ASP A 185 12.00 8.61 18.29
CA ASP A 185 11.27 7.65 19.10
C ASP A 185 9.84 7.66 18.58
N TYR A 186 9.60 6.82 17.57
CA TYR A 186 8.43 6.93 16.70
C TYR A 186 7.99 5.57 16.16
N ALA A 187 6.68 5.37 16.14
CA ALA A 187 6.10 4.10 15.73
C ALA A 187 5.21 4.35 14.52
N LEU A 188 5.46 3.65 13.42
CA LEU A 188 4.71 3.90 12.18
C LEU A 188 3.60 2.87 12.03
N LEU A 189 2.35 3.32 11.96
CA LEU A 189 1.24 2.40 11.65
C LEU A 189 1.33 2.02 10.17
N MET A 190 1.51 0.73 9.90
CA MET A 190 1.84 0.25 8.58
C MET A 190 1.08 -1.02 8.24
N GLU A 191 1.26 -1.47 7.00
CA GLU A 191 0.65 -2.70 6.54
C GLU A 191 1.57 -3.93 6.65
N SER A 192 0.95 -5.04 7.03
CA SER A 192 1.63 -6.24 7.52
C SER A 192 2.75 -6.79 6.63
N THR A 193 2.40 -7.05 5.38
CA THR A 193 3.33 -7.60 4.40
C THR A 193 4.51 -6.65 4.10
N THR A 194 4.31 -5.34 4.26
CA THR A 194 5.42 -4.40 4.14
C THR A 194 6.31 -4.44 5.37
N ILE A 195 5.71 -4.46 6.56
CA ILE A 195 6.45 -4.68 7.80
C ILE A 195 7.34 -5.91 7.69
N GLU A 196 6.82 -7.00 7.12
CA GLU A 196 7.63 -8.21 6.93
C GLU A 196 8.93 -7.89 6.20
N TYR A 197 8.78 -7.27 5.04
CA TYR A 197 9.88 -6.89 4.18
C TYR A 197 10.86 -5.96 4.87
N ILE A 198 10.36 -4.83 5.37
CA ILE A 198 11.17 -3.86 6.13
C ILE A 198 12.01 -4.50 7.26
N THR A 199 11.35 -5.25 8.14
CA THR A 199 12.02 -5.83 9.30
C THR A 199 13.00 -6.99 8.96
N GLN A 200 13.01 -7.42 7.70
CA GLN A 200 13.99 -8.41 7.27
C GLN A 200 15.27 -7.71 6.82
N ARG A 201 15.12 -6.48 6.34
CA ARG A 201 16.21 -5.68 5.83
C ARG A 201 16.81 -4.83 6.95
N ASN A 202 16.01 -4.48 7.94
CA ASN A 202 16.38 -3.48 8.93
C ASN A 202 16.27 -4.03 10.33
N CYS A 203 17.35 -4.64 10.80
CA CYS A 203 17.31 -5.49 11.98
C CYS A 203 17.14 -4.80 13.34
N ASN A 204 17.19 -3.47 13.36
CA ASN A 204 16.80 -2.74 14.57
C ASN A 204 15.30 -2.42 14.57
N LEU A 205 14.62 -2.77 13.49
CA LEU A 205 13.17 -2.62 13.42
C LEU A 205 12.45 -3.95 13.64
N THR A 206 11.24 -3.86 14.20
CA THR A 206 10.46 -5.04 14.52
C THR A 206 9.00 -4.75 14.36
N GLN A 207 8.18 -5.79 14.32
CA GLN A 207 6.75 -5.59 14.38
C GLN A 207 6.22 -5.64 15.81
N ILE A 208 5.35 -4.69 16.15
CA ILE A 208 4.72 -4.66 17.46
C ILE A 208 3.27 -5.10 17.37
N GLY A 209 2.94 -6.13 18.16
CA GLY A 209 1.60 -6.69 18.18
C GLY A 209 1.42 -7.57 16.96
N GLY A 210 0.22 -8.12 16.82
CA GLY A 210 -0.12 -8.84 15.61
C GLY A 210 -0.87 -7.91 14.68
N LEU A 211 -1.84 -8.47 13.95
CA LEU A 211 -2.66 -7.68 13.05
C LEU A 211 -3.72 -6.90 13.81
N ILE A 212 -4.01 -5.71 13.33
CA ILE A 212 -4.97 -4.82 13.96
C ILE A 212 -6.29 -4.92 13.19
N ASP A 213 -6.20 -5.46 11.98
CA ASP A 213 -7.38 -5.89 11.24
C ASP A 213 -6.98 -6.77 10.07
N SER A 214 -7.93 -7.04 9.19
CA SER A 214 -7.67 -7.82 8.00
C SER A 214 -8.19 -7.07 6.75
N LYS A 215 -7.39 -7.10 5.69
CA LYS A 215 -7.79 -6.56 4.39
C LYS A 215 -6.92 -7.03 3.23
N GLY A 216 -7.18 -6.49 2.05
CA GLY A 216 -6.59 -6.99 0.83
C GLY A 216 -6.12 -5.89 -0.10
N TYR A 217 -5.16 -6.23 -0.96
CA TYR A 217 -4.72 -5.32 -2.02
C TYR A 217 -5.40 -5.73 -3.32
N GLY A 218 -5.98 -4.75 -3.99
CA GLY A 218 -6.63 -5.07 -5.24
C GLY A 218 -6.13 -4.14 -6.34
N ILE A 219 -6.41 -4.53 -7.58
CA ILE A 219 -6.20 -3.66 -8.72
C ILE A 219 -7.39 -2.74 -8.86
N GLY A 220 -7.12 -1.44 -8.90
CA GLY A 220 -8.15 -0.41 -8.98
C GLY A 220 -8.50 -0.10 -10.43
N THR A 221 -9.79 0.07 -10.68
CA THR A 221 -10.27 0.50 -11.98
C THR A 221 -11.28 1.61 -11.76
N PRO A 222 -11.59 2.38 -12.82
CA PRO A 222 -12.76 3.28 -12.68
C PRO A 222 -14.01 2.43 -12.43
N MET A 223 -15.11 3.05 -12.04
CA MET A 223 -16.33 2.27 -11.85
C MET A 223 -16.95 1.75 -13.16
N GLY A 224 -17.30 0.47 -13.21
CA GLY A 224 -17.90 -0.09 -14.42
C GLY A 224 -16.89 -0.27 -15.54
N SER A 225 -15.65 -0.54 -15.16
CA SER A 225 -14.59 -0.85 -16.11
C SER A 225 -14.74 -2.25 -16.66
N PRO A 226 -14.57 -2.41 -17.99
CA PRO A 226 -14.66 -3.69 -18.69
C PRO A 226 -13.50 -4.66 -18.45
N TYR A 227 -12.50 -4.29 -17.66
CA TYR A 227 -11.38 -5.20 -17.43
C TYR A 227 -11.45 -5.74 -16.01
N ARG A 228 -12.30 -5.12 -15.22
CA ARG A 228 -12.44 -5.43 -13.80
C ARG A 228 -12.61 -6.93 -13.62
N ASP A 229 -13.56 -7.49 -14.35
CA ASP A 229 -13.92 -8.90 -14.22
C ASP A 229 -12.85 -9.85 -14.79
N LYS A 230 -12.40 -9.57 -16.01
CA LYS A 230 -11.30 -10.32 -16.64
C LYS A 230 -10.08 -10.41 -15.70
N ILE A 231 -9.68 -9.26 -15.18
CA ILE A 231 -8.59 -9.20 -14.20
C ILE A 231 -8.89 -10.00 -12.92
N THR A 232 -10.08 -9.82 -12.32
CA THR A 232 -10.45 -10.59 -11.14
C THR A 232 -10.25 -12.08 -11.37
N ILE A 233 -10.78 -12.59 -12.48
CA ILE A 233 -10.74 -14.01 -12.80
C ILE A 233 -9.32 -14.54 -12.97
N ALA A 234 -8.49 -13.77 -13.66
CA ALA A 234 -7.11 -14.19 -13.85
C ALA A 234 -6.39 -14.21 -12.53
N ILE A 235 -6.58 -13.16 -11.72
CA ILE A 235 -5.97 -13.11 -10.39
C ILE A 235 -6.39 -14.33 -9.54
N LEU A 236 -7.66 -14.75 -9.66
CA LEU A 236 -8.13 -15.91 -8.92
C LEU A 236 -7.45 -17.22 -9.39
N GLN A 237 -7.28 -17.35 -10.71
CA GLN A 237 -6.59 -18.49 -11.29
C GLN A 237 -5.15 -18.57 -10.78
N LEU A 238 -4.44 -17.45 -10.87
CA LEU A 238 -3.08 -17.32 -10.37
C LEU A 238 -3.00 -17.72 -8.91
N GLN A 239 -4.03 -17.35 -8.16
CA GLN A 239 -4.05 -17.56 -6.73
C GLN A 239 -4.27 -19.02 -6.37
N GLU A 240 -5.03 -19.74 -7.19
CA GLU A 240 -5.44 -21.10 -6.85
C GLU A 240 -4.31 -22.08 -7.15
N GLU A 241 -3.41 -21.66 -8.02
CA GLU A 241 -2.20 -22.42 -8.34
C GLU A 241 -1.02 -21.85 -7.54
N ASP A 242 -1.36 -21.00 -6.57
CA ASP A 242 -0.42 -20.49 -5.58
C ASP A 242 0.81 -19.83 -6.20
N LYS A 243 0.59 -19.20 -7.35
CA LYS A 243 1.60 -18.45 -8.08
C LYS A 243 1.92 -17.15 -7.39
N LEU A 244 0.89 -16.57 -6.79
CA LEU A 244 1.01 -15.29 -6.09
C LEU A 244 1.81 -15.43 -4.81
N HIS A 245 1.78 -16.62 -4.23
CA HIS A 245 2.57 -16.92 -3.06
C HIS A 245 4.04 -17.08 -3.45
N ILE A 246 4.25 -17.52 -4.68
CA ILE A 246 5.57 -17.74 -5.22
C ILE A 246 6.19 -16.42 -5.65
N MET A 247 5.34 -15.55 -6.20
CA MET A 247 5.75 -14.24 -6.67
C MET A 247 6.17 -13.42 -5.47
N LYS A 248 5.41 -13.57 -4.39
CA LYS A 248 5.71 -12.90 -3.14
C LYS A 248 7.05 -13.34 -2.58
N GLU A 249 7.31 -14.65 -2.60
CA GLU A 249 8.56 -15.16 -2.05
C GLU A 249 9.77 -14.66 -2.84
N LYS A 250 9.59 -14.53 -4.14
CA LYS A 250 10.63 -13.99 -5.02
C LYS A 250 11.08 -12.57 -4.59
N TRP A 251 10.14 -11.70 -4.24
CA TRP A 251 10.47 -10.31 -3.90
C TRP A 251 10.70 -10.04 -2.41
N TRP A 252 10.37 -11.00 -1.56
CA TRP A 252 10.53 -10.86 -0.09
C TRP A 252 11.77 -11.61 0.39
N ARG A 253 12.24 -12.56 -0.41
CA ARG A 253 13.44 -13.32 -0.10
C ARG A 253 14.59 -12.34 0.16
N GLY A 254 15.02 -12.28 1.42
CA GLY A 254 16.08 -11.37 1.83
C GLY A 254 17.02 -11.98 2.85
N SER A 255 17.99 -11.18 3.31
CA SER A 255 19.03 -11.64 4.22
C SER A 255 18.53 -12.40 5.44
N GLY A 256 18.13 -11.67 6.47
CA GLY A 256 17.72 -12.29 7.72
C GLY A 256 18.45 -11.66 8.89
N CYS A 257 17.94 -11.90 10.10
CA CYS A 257 18.38 -11.17 11.29
C CYS A 257 18.73 -12.07 12.46
O6 3ZA B . 1.37 0.77 0.07
C5 3ZA B . 2.46 2.68 2.03
C3 3ZA B . -0.07 2.44 2.77
O2 3ZA B . -3.88 1.92 -0.31
O1 3ZA B . -3.62 3.73 1.02
C7 3ZA B . -0.83 2.78 4.06
C8 3ZA B . 2.57 1.16 2.20
C1 3ZA B . -2.21 1.78 1.46
C2 3ZA B . -0.93 2.62 1.51
C4 3ZA B . 1.24 3.28 2.76
N1 3ZA B . -1.89 0.39 0.92
C6 3ZA B . -3.34 2.56 0.66
O3 3ZA B . -1.69 3.71 4.01
O4 3ZA B . -0.51 2.09 5.07
O5 3ZA B . 3.01 0.71 3.26
N2 3ZA B . 2.18 0.34 1.15
C9 3ZA B . 2.55 -1.06 0.98
K K C . -2.45 -4.06 -27.49
K K D . 20.16 4.37 -14.86
CL CL E . 5.76 8.09 -15.36
P PO4 F . -13.84 -1.58 5.25
O1 PO4 F . -13.29 -0.17 5.13
O2 PO4 F . -13.46 -2.34 4.00
O3 PO4 F . -13.30 -2.27 6.48
O4 PO4 F . -15.35 -1.58 5.39
#